data_6XM8
#
_entry.id   6XM8
#
_cell.length_a   85.700
_cell.length_b   112.540
_cell.length_c   115.520
_cell.angle_alpha   90.000
_cell.angle_beta   90.000
_cell.angle_gamma   90.000
#
_symmetry.space_group_name_H-M   'I 2 2 2'
#
loop_
_entity.id
_entity.type
_entity.pdbx_description
1 polymer Dioxygenase
2 non-polymer 'COBALT (II) ION'
3 non-polymer lignostilbene
4 non-polymer 'DIMETHYL SULFOXIDE'
5 non-polymer 'MAGNESIUM ION'
6 water water
#
_entity_poly.entity_id   1
_entity_poly.type   'polypeptide(L)'
_entity_poly.pdbx_seq_one_letter_code
;MAHFPDTPAFTGFNAPSRIECDIPNLVHEGTIPPELNGAFFRVQPDPQFPPRLGDDISFNGDGMITRFHIHDGQCDIKQR
WAKTNKWKLENAAGKALFGSYRNPLTDDESVKGEYRSTANTNAFVFAGKLWAMKEDSPSLTMDPATMETFGFEKFGGKMT
GQTFTAHPKVDPLTGNMVAIGYAASGLCTDDVCLYEISPDGELIYEAWFKVPYYCMMHDFGVTKDYLVLHIVPSIGSWDR
LEKGLPHFGFDTTLPVYLGIIPRRADLKQEDIRWFKRENCFASHVMNAFQEGTKVHVDVPEAENNMFPFFPDVHGAPFNP
QQAMSRLTRWTVDMASNSDEFDSVTRLTETAGEFPRIDDRMTGLPYRYGWMLEMDMKRPVELKGGSAGGFLMNCLFLKDH
QTGAEQHWWCGPTSSLQEPAFIPRSKDAPEGDGWIVQVCNRLADHKSDLLIFEALDIEKGPVATVHLPFALRFGLHGNWA
NAEEIGLAA
;
_entity_poly.pdbx_strand_id   A
#
# COMPACT_ATOMS: atom_id res chain seq x y z
N ALA A 2 -26.41 -9.04 10.51
CA ALA A 2 -26.30 -7.82 9.74
C ALA A 2 -26.89 -7.95 8.34
N HIS A 3 -27.67 -6.95 7.93
CA HIS A 3 -28.23 -6.90 6.59
C HIS A 3 -27.30 -6.08 5.69
N PHE A 4 -26.52 -6.76 4.85
CA PHE A 4 -25.61 -6.07 3.96
C PHE A 4 -26.21 -5.97 2.56
N PRO A 5 -25.74 -5.02 1.76
CA PRO A 5 -26.31 -4.85 0.41
C PRO A 5 -25.99 -6.03 -0.49
N ASP A 6 -26.89 -6.24 -1.46
CA ASP A 6 -26.71 -7.27 -2.48
C ASP A 6 -26.09 -6.62 -3.71
N THR A 7 -24.85 -6.17 -3.53
CA THR A 7 -24.09 -5.49 -4.58
C THR A 7 -22.70 -6.10 -4.66
N PRO A 8 -21.96 -5.84 -5.74
CA PRO A 8 -20.68 -6.53 -5.93
C PRO A 8 -19.68 -6.32 -4.81
N ALA A 9 -19.68 -5.15 -4.18
CA ALA A 9 -18.68 -4.88 -3.15
C ALA A 9 -18.92 -5.67 -1.86
N PHE A 10 -20.03 -6.41 -1.76
CA PHE A 10 -20.36 -7.11 -0.53
C PHE A 10 -20.72 -8.58 -0.74
N THR A 11 -20.50 -9.13 -1.94
CA THR A 11 -20.91 -10.48 -2.24
C THR A 11 -19.77 -11.27 -2.87
N GLY A 12 -19.89 -12.60 -2.78
CA GLY A 12 -18.87 -13.48 -3.35
C GLY A 12 -17.56 -13.37 -2.62
N PHE A 13 -16.48 -13.19 -3.37
CA PHE A 13 -15.17 -12.95 -2.77
C PHE A 13 -15.19 -11.72 -1.88
N ASN A 14 -16.13 -10.79 -2.10
CA ASN A 14 -16.25 -9.58 -1.32
C ASN A 14 -17.29 -9.68 -0.21
N ALA A 15 -17.73 -10.88 0.14
CA ALA A 15 -18.61 -11.03 1.29
C ALA A 15 -17.90 -10.51 2.54
N PRO A 16 -18.60 -9.81 3.43
CA PRO A 16 -17.99 -9.43 4.70
C PRO A 16 -17.52 -10.67 5.45
N SER A 17 -16.35 -10.56 6.11
CA SER A 17 -15.80 -11.65 6.90
C SER A 17 -15.80 -11.29 8.38
N ARG A 18 -15.00 -10.30 8.79
CA ARG A 18 -15.01 -9.76 10.15
C ARG A 18 -14.55 -10.78 11.18
N ILE A 19 -13.82 -11.80 10.74
CA ILE A 19 -13.32 -12.82 11.65
C ILE A 19 -12.18 -12.25 12.49
N GLU A 20 -12.36 -12.24 13.80
CA GLU A 20 -11.25 -12.15 14.74
C GLU A 20 -10.99 -13.55 15.28
N CYS A 21 -9.74 -14.02 15.20
CA CYS A 21 -9.48 -15.42 15.54
C CYS A 21 -8.04 -15.61 15.99
N ASP A 22 -7.79 -16.81 16.52
CA ASP A 22 -6.46 -17.31 16.83
C ASP A 22 -6.39 -18.77 16.42
N ILE A 23 -5.38 -19.12 15.63
CA ILE A 23 -5.12 -20.53 15.33
C ILE A 23 -3.62 -20.78 15.26
N PRO A 24 -3.04 -21.49 16.22
CA PRO A 24 -1.63 -21.88 16.08
C PRO A 24 -1.51 -23.13 15.22
N ASN A 25 -0.33 -23.29 14.62
CA ASN A 25 0.04 -24.56 13.99
C ASN A 25 -0.94 -24.92 12.88
N LEU A 26 -1.19 -23.95 12.00
CA LEU A 26 -2.08 -24.15 10.87
C LEU A 26 -1.64 -25.35 10.03
N VAL A 27 -2.62 -26.04 9.45
CA VAL A 27 -2.30 -27.15 8.55
C VAL A 27 -1.44 -26.61 7.41
N HIS A 28 -0.35 -27.32 7.10
CA HIS A 28 0.53 -26.85 6.03
C HIS A 28 1.20 -28.02 5.32
N GLU A 29 1.81 -27.70 4.18
CA GLU A 29 2.51 -28.65 3.35
C GLU A 29 3.88 -28.07 3.03
N GLY A 30 4.80 -28.95 2.64
CA GLY A 30 6.16 -28.53 2.41
C GLY A 30 6.91 -28.29 3.70
N THR A 31 8.01 -27.55 3.60
CA THR A 31 8.92 -27.30 4.70
C THR A 31 9.02 -25.80 4.96
N ILE A 32 8.51 -25.35 6.10
CA ILE A 32 8.69 -23.96 6.54
C ILE A 32 10.14 -23.82 7.00
N PRO A 33 10.94 -22.95 6.38
CA PRO A 33 12.35 -22.82 6.80
C PRO A 33 12.44 -22.61 8.29
N PRO A 34 13.28 -23.37 8.99
CA PRO A 34 13.44 -23.15 10.44
C PRO A 34 14.17 -21.86 10.77
N GLU A 35 14.77 -21.19 9.79
CA GLU A 35 15.40 -19.90 10.06
C GLU A 35 14.37 -18.84 10.41
N LEU A 36 13.14 -18.99 9.93
CA LEU A 36 12.16 -17.93 10.07
C LEU A 36 11.71 -17.81 11.52
N ASN A 37 11.82 -16.60 12.07
CA ASN A 37 11.33 -16.32 13.42
C ASN A 37 10.85 -14.87 13.44
N GLY A 38 9.55 -14.69 13.24
CA GLY A 38 8.99 -13.36 13.14
C GLY A 38 7.55 -13.45 12.65
N ALA A 39 7.06 -12.34 12.10
CA ALA A 39 5.67 -12.34 11.66
C ALA A 39 5.46 -11.45 10.44
N PHE A 40 4.53 -11.89 9.60
CA PHE A 40 4.07 -11.16 8.42
C PHE A 40 2.70 -10.56 8.74
N PHE A 41 2.62 -9.23 8.70
CA PHE A 41 1.37 -8.50 8.93
C PHE A 41 0.81 -8.02 7.60
N ARG A 42 -0.50 -8.12 7.45
CA ARG A 42 -1.20 -7.61 6.29
C ARG A 42 -2.59 -7.08 6.71
N VAL A 43 -3.24 -6.31 5.87
CA VAL A 43 -4.51 -5.69 6.23
C VAL A 43 -5.52 -5.87 5.10
N GLN A 44 -6.77 -6.15 5.48
CA GLN A 44 -7.87 -6.20 4.53
C GLN A 44 -8.96 -5.20 4.94
N PRO A 45 -9.45 -4.37 4.02
CA PRO A 45 -10.73 -3.69 4.27
C PRO A 45 -11.83 -4.72 4.48
N ASP A 46 -12.67 -4.49 5.49
CA ASP A 46 -13.67 -5.46 5.96
C ASP A 46 -14.71 -4.70 6.78
N PRO A 47 -15.94 -4.51 6.28
CA PRO A 47 -16.86 -3.58 6.94
C PRO A 47 -17.41 -4.14 8.25
N GLN A 48 -17.23 -3.38 9.34
CA GLN A 48 -17.85 -3.78 10.60
C GLN A 48 -19.36 -3.74 10.48
N PHE A 49 -19.89 -2.74 9.78
CA PHE A 49 -21.32 -2.52 9.65
C PHE A 49 -21.71 -2.26 8.20
N PRO A 50 -22.98 -2.49 7.84
CA PRO A 50 -23.43 -2.11 6.51
C PRO A 50 -23.24 -0.63 6.27
N PRO A 51 -23.06 -0.21 5.02
CA PRO A 51 -22.85 1.21 4.74
C PRO A 51 -24.13 2.02 4.84
N ARG A 52 -23.99 3.26 5.31
CA ARG A 52 -25.14 4.15 5.46
C ARG A 52 -25.91 4.29 4.15
N LEU A 53 -25.18 4.40 3.04
CA LEU A 53 -25.81 4.65 1.74
C LEU A 53 -26.49 3.42 1.17
N GLY A 54 -26.16 2.24 1.66
CA GLY A 54 -26.66 1.02 1.04
C GLY A 54 -25.79 0.48 -0.07
N ASP A 55 -24.60 1.04 -0.26
CA ASP A 55 -23.59 0.54 -1.18
C ASP A 55 -22.30 1.25 -0.79
N ASP A 56 -21.19 0.75 -1.31
CA ASP A 56 -19.89 1.34 -0.99
C ASP A 56 -18.86 0.73 -1.94
N ILE A 57 -17.61 1.14 -1.77
CA ILE A 57 -16.51 0.63 -2.55
C ILE A 57 -15.56 -0.15 -1.65
N SER A 58 -14.69 -0.93 -2.30
N SER A 58 -14.69 -0.93 -2.29
CA SER A 58 -13.79 -1.82 -1.58
CA SER A 58 -13.81 -1.82 -1.54
C SER A 58 -12.83 -1.03 -0.68
C SER A 58 -12.83 -1.04 -0.68
N PHE A 59 -12.30 0.09 -1.18
CA PHE A 59 -11.30 0.84 -0.44
C PHE A 59 -11.83 1.47 0.84
N ASN A 60 -13.13 1.36 1.15
CA ASN A 60 -13.71 2.04 2.30
C ASN A 60 -14.01 1.11 3.46
N GLY A 61 -13.58 -0.15 3.41
CA GLY A 61 -13.85 -1.07 4.50
C GLY A 61 -12.93 -0.85 5.69
N ASP A 62 -13.46 -1.10 6.87
CA ASP A 62 -12.67 -0.99 8.09
C ASP A 62 -11.47 -1.93 8.03
N GLY A 63 -10.35 -1.49 8.60
CA GLY A 63 -9.13 -2.26 8.55
C GLY A 63 -9.16 -3.45 9.50
N MET A 64 -8.99 -4.66 8.96
CA MET A 64 -8.81 -5.87 9.75
C MET A 64 -7.38 -6.35 9.55
N ILE A 65 -6.65 -6.57 10.64
CA ILE A 65 -5.23 -6.87 10.59
C ILE A 65 -5.01 -8.37 10.77
N THR A 66 -4.26 -8.96 9.86
CA THR A 66 -3.85 -10.36 9.92
C THR A 66 -2.38 -10.45 10.27
N ARG A 67 -2.03 -11.29 11.25
CA ARG A 67 -0.64 -11.58 11.54
C ARG A 67 -0.36 -13.07 11.38
N PHE A 68 0.65 -13.39 10.57
CA PHE A 68 1.15 -14.75 10.42
C PHE A 68 2.48 -14.84 11.19
N HIS A 69 2.47 -15.48 12.35
CA HIS A 69 3.66 -15.68 13.17
C HIS A 69 4.32 -16.99 12.75
N ILE A 70 5.51 -16.89 12.17
CA ILE A 70 6.25 -18.05 11.66
C ILE A 70 7.42 -18.30 12.60
N HIS A 71 7.50 -19.53 13.12
CA HIS A 71 8.50 -19.89 14.11
C HIS A 71 8.52 -21.41 14.22
N ASP A 72 9.70 -21.97 14.49
CA ASP A 72 9.85 -23.40 14.77
C ASP A 72 9.23 -24.25 13.67
N GLY A 73 9.35 -23.78 12.43
CA GLY A 73 8.84 -24.54 11.31
C GLY A 73 7.34 -24.64 11.25
N GLN A 74 6.61 -23.73 11.91
CA GLN A 74 5.16 -23.72 11.85
C GLN A 74 4.68 -22.29 11.65
N CYS A 75 3.37 -22.15 11.40
CA CYS A 75 2.75 -20.85 11.16
C CYS A 75 1.47 -20.74 11.97
N ASP A 76 1.35 -19.63 12.71
CA ASP A 76 0.17 -19.29 13.48
C ASP A 76 -0.51 -18.07 12.88
N ILE A 77 -1.80 -17.92 13.13
CA ILE A 77 -2.53 -16.73 12.70
C ILE A 77 -3.22 -16.10 13.91
N LYS A 78 -3.13 -14.77 13.98
CA LYS A 78 -3.92 -13.95 14.89
C LYS A 78 -4.48 -12.81 14.06
N GLN A 79 -5.81 -12.59 14.14
CA GLN A 79 -6.47 -11.57 13.35
C GLN A 79 -7.32 -10.70 14.26
N ARG A 80 -7.14 -9.38 14.16
CA ARG A 80 -7.79 -8.43 15.04
C ARG A 80 -8.13 -7.15 14.31
N TRP A 81 -9.23 -6.52 14.73
CA TRP A 81 -9.60 -5.22 14.20
C TRP A 81 -8.55 -4.16 14.56
N ALA A 82 -8.34 -3.20 13.64
CA ALA A 82 -7.64 -1.96 13.94
C ALA A 82 -8.69 -0.98 14.49
N LYS A 83 -8.67 -0.76 15.79
CA LYS A 83 -9.78 -0.06 16.46
C LYS A 83 -9.56 1.45 16.39
N THR A 84 -9.80 1.95 15.18
CA THR A 84 -9.85 3.38 14.92
C THR A 84 -10.96 4.03 15.74
N ASN A 85 -10.93 5.36 15.78
CA ASN A 85 -12.02 6.09 16.42
C ASN A 85 -13.35 5.80 15.73
N LYS A 86 -13.33 5.70 14.39
CA LYS A 86 -14.51 5.30 13.64
C LYS A 86 -15.00 3.94 14.10
N TRP A 87 -14.11 2.95 14.19
CA TRP A 87 -14.50 1.63 14.64
C TRP A 87 -15.15 1.68 16.02
N LYS A 88 -14.53 2.42 16.94
CA LYS A 88 -15.02 2.45 18.31
C LYS A 88 -16.36 3.16 18.41
N LEU A 89 -16.52 4.27 17.69
CA LEU A 89 -17.79 5.00 17.75
C LEU A 89 -18.92 4.19 17.15
N GLU A 90 -18.69 3.57 16.00
CA GLU A 90 -19.75 2.78 15.36
C GLU A 90 -20.04 1.51 16.14
N ASN A 91 -19.00 0.90 16.72
CA ASN A 91 -19.22 -0.25 17.59
C ASN A 91 -20.12 0.13 18.77
N ALA A 92 -19.85 1.27 19.39
CA ALA A 92 -20.65 1.70 20.53
C ALA A 92 -22.09 1.99 20.12
N ALA A 93 -22.28 2.60 18.94
CA ALA A 93 -23.61 2.94 18.48
C ALA A 93 -24.35 1.76 17.84
N GLY A 94 -23.63 0.71 17.48
CA GLY A 94 -24.25 -0.43 16.82
C GLY A 94 -24.71 -0.15 15.41
N LYS A 95 -24.08 0.79 14.72
CA LYS A 95 -24.48 1.15 13.37
C LYS A 95 -23.40 2.02 12.73
N ALA A 96 -23.47 2.13 11.42
CA ALA A 96 -22.56 3.02 10.69
C ALA A 96 -22.92 4.48 10.95
N LEU A 97 -21.90 5.29 11.23
CA LEU A 97 -22.03 6.73 11.39
C LEU A 97 -21.28 7.52 10.34
N PHE A 98 -20.18 6.99 9.81
CA PHE A 98 -19.44 7.61 8.74
C PHE A 98 -19.95 7.10 7.39
N GLY A 99 -19.87 7.97 6.40
CA GLY A 99 -20.46 7.69 5.10
C GLY A 99 -19.53 7.25 4.00
N SER A 100 -19.67 7.86 2.83
N SER A 100 -19.67 7.86 2.83
N SER A 100 -19.66 7.87 2.84
CA SER A 100 -18.96 7.42 1.64
CA SER A 100 -18.96 7.41 1.64
CA SER A 100 -18.96 7.43 1.63
C SER A 100 -17.47 7.74 1.74
C SER A 100 -17.47 7.74 1.74
C SER A 100 -17.47 7.75 1.74
N TYR A 101 -16.72 7.18 0.80
CA TYR A 101 -15.26 7.31 0.81
C TYR A 101 -14.81 8.76 0.73
N ARG A 102 -14.03 9.18 1.72
CA ARG A 102 -13.41 10.50 1.73
C ARG A 102 -14.44 11.61 1.50
N ASN A 103 -15.63 11.42 2.04
CA ASN A 103 -16.74 12.37 1.85
C ASN A 103 -17.36 12.71 3.19
N PRO A 104 -16.83 13.72 3.88
CA PRO A 104 -17.41 14.09 5.19
C PRO A 104 -18.82 14.64 5.11
N LEU A 105 -19.30 15.05 3.92
CA LEU A 105 -20.64 15.57 3.82
C LEU A 105 -21.70 14.50 4.08
N THR A 106 -21.31 13.22 4.00
CA THR A 106 -22.24 12.11 4.15
C THR A 106 -22.19 11.49 5.54
N ASP A 107 -21.44 12.09 6.48
CA ASP A 107 -21.35 11.55 7.82
C ASP A 107 -22.52 12.02 8.67
N ASP A 108 -22.90 11.19 9.64
CA ASP A 108 -23.85 11.63 10.66
C ASP A 108 -23.29 12.84 11.40
N GLU A 109 -24.17 13.77 11.76
CA GLU A 109 -23.72 14.97 12.45
C GLU A 109 -22.98 14.65 13.73
N SER A 110 -23.25 13.49 14.34
CA SER A 110 -22.64 13.16 15.62
C SER A 110 -21.14 12.88 15.51
N VAL A 111 -20.62 12.67 14.31
CA VAL A 111 -19.19 12.39 14.14
C VAL A 111 -18.48 13.48 13.34
N LYS A 112 -19.12 14.63 13.18
CA LYS A 112 -18.47 15.77 12.52
C LYS A 112 -17.13 16.06 13.19
N GLY A 113 -16.09 16.17 12.36
CA GLY A 113 -14.78 16.54 12.85
C GLY A 113 -13.95 15.41 13.39
N GLU A 114 -14.47 14.19 13.40
CA GLU A 114 -13.68 13.05 13.85
C GLU A 114 -12.79 12.54 12.71
N TYR A 115 -11.67 11.93 13.08
CA TYR A 115 -10.87 11.23 12.08
C TYR A 115 -11.73 10.14 11.44
N ARG A 116 -11.73 10.11 10.11
CA ARG A 116 -12.53 9.15 9.36
C ARG A 116 -11.77 7.87 9.03
N SER A 117 -10.54 7.75 9.53
CA SER A 117 -9.64 6.66 9.14
C SER A 117 -10.26 5.28 9.37
N THR A 118 -10.08 4.41 8.38
CA THR A 118 -10.35 2.99 8.51
C THR A 118 -9.09 2.18 8.79
N ALA A 119 -7.90 2.82 8.75
CA ALA A 119 -6.64 2.14 9.00
C ALA A 119 -6.51 0.85 8.16
N ASN A 120 -6.89 0.94 6.89
CA ASN A 120 -7.14 -0.25 6.09
C ASN A 120 -6.15 -0.45 4.94
N THR A 121 -5.05 0.31 4.89
CA THR A 121 -4.19 0.30 3.71
C THR A 121 -2.81 -0.30 3.94
N ASN A 122 -2.26 -0.22 5.15
CA ASN A 122 -0.99 -0.87 5.42
C ASN A 122 -0.95 -1.35 6.87
N ALA A 123 -0.20 -2.43 7.08
CA ALA A 123 0.15 -2.94 8.42
C ALA A 123 1.67 -2.98 8.46
N PHE A 124 2.26 -1.97 9.10
CA PHE A 124 3.68 -1.67 9.03
C PHE A 124 4.26 -1.74 10.45
N VAL A 125 5.52 -2.15 10.55
CA VAL A 125 6.19 -2.30 11.84
C VAL A 125 7.34 -1.30 11.91
N PHE A 126 7.39 -0.54 13.00
CA PHE A 126 8.43 0.45 13.20
C PHE A 126 8.42 0.91 14.65
N ALA A 127 9.61 1.04 15.23
CA ALA A 127 9.76 1.57 16.59
C ALA A 127 8.97 0.74 17.59
N GLY A 128 8.94 -0.57 17.39
CA GLY A 128 8.26 -1.46 18.32
C GLY A 128 6.75 -1.42 18.25
N LYS A 129 6.19 -0.72 17.29
CA LYS A 129 4.78 -0.63 17.18
C LYS A 129 4.29 -1.17 15.83
N LEU A 130 3.03 -1.58 15.80
CA LEU A 130 2.33 -1.94 14.58
C LEU A 130 1.52 -0.73 14.12
N TRP A 131 1.77 -0.28 12.90
CA TRP A 131 1.11 0.89 12.33
C TRP A 131 0.02 0.42 11.37
N ALA A 132 -1.23 0.75 11.68
CA ALA A 132 -2.38 0.45 10.82
C ALA A 132 -2.77 1.77 10.16
N MET A 133 -2.61 1.87 8.85
CA MET A 133 -2.41 3.15 8.20
C MET A 133 -3.49 3.48 7.17
N LYS A 134 -3.81 4.77 7.08
CA LYS A 134 -4.80 5.28 6.14
C LYS A 134 -4.46 6.74 5.89
N GLU A 135 -4.36 7.12 4.61
CA GLU A 135 -3.71 8.36 4.24
C GLU A 135 -4.56 9.61 4.49
N ASP A 136 -5.75 9.48 5.08
CA ASP A 136 -6.59 10.64 5.34
C ASP A 136 -6.52 11.12 6.78
N SER A 137 -5.69 10.50 7.62
CA SER A 137 -5.64 10.79 9.04
C SER A 137 -4.26 10.41 9.55
N PRO A 138 -3.93 10.80 10.78
CA PRO A 138 -2.74 10.22 11.43
C PRO A 138 -2.85 8.70 11.43
N SER A 139 -1.70 8.03 11.46
CA SER A 139 -1.70 6.57 11.53
C SER A 139 -2.21 6.09 12.88
N LEU A 140 -2.92 4.98 12.86
CA LEU A 140 -3.21 4.25 14.09
C LEU A 140 -1.98 3.44 14.47
N THR A 141 -1.80 3.23 15.77
CA THR A 141 -0.78 2.31 16.24
C THR A 141 -1.38 1.24 17.14
N MET A 142 -0.74 0.08 17.14
CA MET A 142 -1.21 -1.11 17.82
C MET A 142 -0.01 -1.82 18.43
N ASP A 143 -0.29 -2.67 19.42
CA ASP A 143 0.73 -3.54 20.00
C ASP A 143 0.98 -4.71 19.06
N PRO A 144 2.18 -4.88 18.52
CA PRO A 144 2.38 -5.94 17.52
C PRO A 144 2.31 -7.34 18.10
N ALA A 145 2.46 -7.49 19.42
CA ALA A 145 2.41 -8.80 20.05
C ALA A 145 0.99 -9.21 20.45
N THR A 146 0.27 -8.32 21.13
CA THR A 146 -1.11 -8.59 21.51
C THR A 146 -2.11 -8.17 20.45
N MET A 147 -1.72 -7.24 19.57
CA MET A 147 -2.56 -6.65 18.54
C MET A 147 -3.75 -5.90 19.12
N GLU A 148 -3.63 -5.49 20.38
CA GLU A 148 -4.48 -4.44 20.92
C GLU A 148 -4.18 -3.12 20.24
N THR A 149 -5.13 -2.20 20.30
CA THR A 149 -4.99 -0.88 19.68
C THR A 149 -4.59 0.16 20.72
N PHE A 150 -3.62 0.99 20.36
CA PHE A 150 -3.27 2.15 21.18
C PHE A 150 -4.14 3.35 20.83
N GLY A 151 -4.03 3.85 19.61
CA GLY A 151 -4.73 5.04 19.18
C GLY A 151 -3.98 5.71 18.05
N PHE A 152 -4.36 6.94 17.75
CA PHE A 152 -3.71 7.68 16.67
C PHE A 152 -2.40 8.31 17.16
N GLU A 153 -1.39 8.28 16.28
CA GLU A 153 -0.06 8.75 16.62
C GLU A 153 0.10 10.19 16.12
N LYS A 154 0.18 11.13 17.06
CA LYS A 154 0.43 12.53 16.73
C LYS A 154 1.74 13.03 17.32
N PHE A 155 2.61 12.11 17.78
CA PHE A 155 3.99 12.43 18.11
C PHE A 155 4.08 13.53 19.16
N GLY A 156 3.41 13.32 20.29
CA GLY A 156 3.50 14.24 21.40
C GLY A 156 3.13 15.67 21.05
N GLY A 157 2.23 15.86 20.08
CA GLY A 157 1.85 17.17 19.65
C GLY A 157 2.80 17.81 18.65
N LYS A 158 3.94 17.19 18.35
CA LYS A 158 4.88 17.79 17.40
C LYS A 158 4.37 17.76 15.97
N MET A 159 3.43 16.85 15.66
CA MET A 159 2.84 16.78 14.33
C MET A 159 1.66 17.74 14.27
N THR A 160 1.70 18.69 13.32
CA THR A 160 0.59 19.59 13.11
C THR A 160 -0.15 19.36 11.81
N GLY A 161 0.43 18.62 10.87
CA GLY A 161 -0.35 18.14 9.74
C GLY A 161 -1.49 17.25 10.20
N GLN A 162 -2.52 17.19 9.36
CA GLN A 162 -3.72 16.45 9.70
C GLN A 162 -3.70 15.00 9.23
N THR A 163 -2.69 14.61 8.45
CA THR A 163 -2.73 13.33 7.74
C THR A 163 -1.35 12.68 7.75
N PHE A 164 -1.34 11.38 7.48
CA PHE A 164 -0.13 10.57 7.49
C PHE A 164 -0.27 9.47 6.45
N THR A 165 0.80 9.22 5.70
CA THR A 165 0.75 8.30 4.58
C THR A 165 0.49 6.87 5.04
N ALA A 166 0.13 6.03 4.08
CA ALA A 166 0.08 4.58 4.28
C ALA A 166 1.26 3.89 3.61
N HIS A 167 2.23 4.65 3.09
CA HIS A 167 3.39 4.07 2.40
C HIS A 167 4.71 4.56 2.99
N PRO A 168 4.90 4.40 4.30
CA PRO A 168 6.15 4.84 4.92
C PRO A 168 7.34 4.09 4.37
N LYS A 169 8.47 4.78 4.27
CA LYS A 169 9.74 4.16 3.91
C LYS A 169 10.68 4.23 5.11
N VAL A 170 11.63 3.30 5.17
CA VAL A 170 12.68 3.30 6.19
C VAL A 170 14.01 3.49 5.49
N ASP A 171 14.71 4.56 5.85
CA ASP A 171 16.02 4.87 5.27
C ASP A 171 17.06 3.96 5.90
N PRO A 172 17.72 3.08 5.13
CA PRO A 172 18.71 2.19 5.74
C PRO A 172 19.94 2.92 6.26
N LEU A 173 20.18 4.16 5.82
CA LEU A 173 21.37 4.89 6.25
C LEU A 173 21.21 5.40 7.67
N THR A 174 19.97 5.66 8.11
CA THR A 174 19.72 6.21 9.43
C THR A 174 18.75 5.39 10.27
N GLY A 175 17.96 4.52 9.65
CA GLY A 175 16.87 3.87 10.34
C GLY A 175 15.62 4.71 10.51
N ASN A 176 15.61 5.93 9.96
CA ASN A 176 14.46 6.80 10.10
C ASN A 176 13.30 6.33 9.23
N MET A 177 12.09 6.47 9.75
CA MET A 177 10.91 6.39 8.90
C MET A 177 10.73 7.71 8.17
N VAL A 178 10.48 7.64 6.87
CA VAL A 178 10.20 8.82 6.06
C VAL A 178 8.77 8.71 5.56
N ALA A 179 7.99 9.77 5.77
CA ALA A 179 6.57 9.74 5.45
C ALA A 179 6.13 11.10 4.92
N ILE A 180 4.96 11.10 4.28
CA ILE A 180 4.30 12.33 3.87
C ILE A 180 2.90 12.34 4.48
N GLY A 181 2.25 13.50 4.34
CA GLY A 181 0.82 13.61 4.57
C GLY A 181 0.25 14.67 3.64
N TYR A 182 -0.59 14.28 2.69
CA TYR A 182 -1.18 15.24 1.76
C TYR A 182 -2.56 15.67 2.27
N ALA A 183 -3.12 16.69 1.62
CA ALA A 183 -4.27 17.40 2.15
C ALA A 183 -4.02 17.78 3.62
N ALA A 184 -2.83 18.33 3.87
CA ALA A 184 -2.31 18.42 5.23
C ALA A 184 -3.02 19.46 6.09
N SER A 185 -3.66 20.45 5.48
CA SER A 185 -4.37 21.46 6.23
C SER A 185 -5.88 21.31 6.14
N GLY A 186 -6.37 20.20 5.59
CA GLY A 186 -7.78 20.00 5.42
C GLY A 186 -8.10 19.32 4.11
N LEU A 187 -9.34 18.86 3.96
CA LEU A 187 -9.71 18.08 2.78
C LEU A 187 -9.43 18.86 1.51
N CYS A 188 -8.82 18.20 0.54
CA CYS A 188 -8.60 18.70 -0.81
C CYS A 188 -7.66 19.90 -0.87
N THR A 189 -6.93 20.20 0.21
CA THR A 189 -5.96 21.28 0.17
C THR A 189 -4.70 20.84 -0.59
N ASP A 190 -3.93 21.82 -1.05
CA ASP A 190 -2.71 21.52 -1.79
C ASP A 190 -1.47 21.51 -0.90
N ASP A 191 -1.65 21.49 0.42
CA ASP A 191 -0.53 21.42 1.34
C ASP A 191 -0.12 19.96 1.58
N VAL A 192 1.19 19.75 1.67
CA VAL A 192 1.75 18.43 1.99
C VAL A 192 2.81 18.59 3.05
N CYS A 193 2.87 17.64 3.97
CA CYS A 193 3.93 17.57 4.98
C CYS A 193 4.89 16.43 4.65
N LEU A 194 6.18 16.70 4.86
CA LEU A 194 7.22 15.68 4.87
C LEU A 194 7.65 15.44 6.31
N TYR A 195 7.63 14.18 6.74
CA TYR A 195 7.98 13.82 8.10
C TYR A 195 9.15 12.85 8.11
N GLU A 196 10.03 12.96 9.10
CA GLU A 196 11.01 11.92 9.41
C GLU A 196 10.89 11.57 10.88
N ILE A 197 10.90 10.27 11.18
CA ILE A 197 10.68 9.74 12.52
C ILE A 197 11.91 8.92 12.89
N SER A 198 12.44 9.13 14.09
CA SER A 198 13.62 8.40 14.47
C SER A 198 13.30 6.96 14.83
N PRO A 199 14.32 6.11 14.87
CA PRO A 199 14.05 4.69 15.19
C PRO A 199 13.35 4.51 16.53
N ASP A 200 13.52 5.52 17.40
CA ASP A 200 12.88 5.54 18.71
C ASP A 200 11.45 6.03 18.70
N GLY A 201 10.90 6.35 17.54
CA GLY A 201 9.53 6.76 17.42
C GLY A 201 9.24 8.23 17.65
N GLU A 202 10.27 9.07 17.77
CA GLU A 202 10.07 10.51 17.94
C GLU A 202 10.08 11.21 16.59
N LEU A 203 9.20 12.19 16.43
CA LEU A 203 9.19 13.00 15.22
C LEU A 203 10.42 13.88 15.19
N ILE A 204 11.26 13.71 14.17
CA ILE A 204 12.46 14.53 14.03
C ILE A 204 12.11 15.91 13.48
N TYR A 205 11.46 15.93 12.31
CA TYR A 205 11.02 17.19 11.73
C TYR A 205 9.77 17.00 10.89
N GLU A 206 9.08 18.12 10.68
CA GLU A 206 7.89 18.21 9.83
C GLU A 206 8.08 19.44 8.94
N ALA A 207 8.08 19.23 7.62
CA ALA A 207 8.31 20.31 6.67
C ALA A 207 7.10 20.45 5.74
N TRP A 208 6.65 21.69 5.57
CA TRP A 208 5.44 21.96 4.78
C TRP A 208 5.82 22.46 3.39
N PHE A 209 5.04 22.05 2.39
CA PHE A 209 5.17 22.60 1.04
C PHE A 209 3.84 22.45 0.33
N LYS A 210 3.77 22.99 -0.89
CA LYS A 210 2.57 22.90 -1.71
C LYS A 210 2.88 22.19 -3.02
N VAL A 211 1.86 21.54 -3.58
CA VAL A 211 2.00 20.79 -4.82
C VAL A 211 1.27 21.49 -5.96
N PRO A 212 1.53 21.10 -7.22
CA PRO A 212 0.87 21.77 -8.35
C PRO A 212 -0.65 21.70 -8.32
N TYR A 213 -1.22 20.58 -7.85
CA TYR A 213 -2.66 20.50 -7.67
C TYR A 213 -2.94 19.38 -6.69
N TYR A 214 -4.08 19.48 -6.00
CA TYR A 214 -4.49 18.40 -5.12
C TYR A 214 -4.87 17.18 -5.93
N CYS A 215 -4.39 16.02 -5.47
CA CYS A 215 -4.66 14.74 -6.12
C CYS A 215 -4.35 13.64 -5.11
N MET A 216 -4.60 12.40 -5.50
CA MET A 216 -4.28 11.27 -4.64
C MET A 216 -2.76 11.07 -4.65
N MET A 217 -2.10 11.50 -3.58
CA MET A 217 -0.67 11.27 -3.40
C MET A 217 -0.47 10.04 -2.49
N HIS A 218 -0.74 8.89 -3.10
CA HIS A 218 -0.84 7.62 -2.39
C HIS A 218 0.54 7.08 -2.00
N ASP A 219 1.52 7.18 -2.89
CA ASP A 219 2.84 6.63 -2.69
C ASP A 219 3.87 7.68 -3.09
N PHE A 220 5.14 7.34 -2.90
CA PHE A 220 6.24 8.26 -3.14
C PHE A 220 7.54 7.47 -3.04
N GLY A 221 8.63 8.12 -3.42
CA GLY A 221 9.95 7.54 -3.26
C GLY A 221 10.81 8.33 -2.31
N VAL A 222 11.87 7.70 -1.82
CA VAL A 222 12.82 8.34 -0.91
C VAL A 222 14.22 7.97 -1.35
N THR A 223 15.10 8.96 -1.45
CA THR A 223 16.52 8.76 -1.69
C THR A 223 17.30 9.39 -0.55
N LYS A 224 18.63 9.29 -0.62
CA LYS A 224 19.47 9.89 0.42
C LYS A 224 19.09 11.34 0.67
N ASP A 225 18.91 12.11 -0.39
CA ASP A 225 18.75 13.54 -0.25
C ASP A 225 17.32 14.01 -0.46
N TYR A 226 16.42 13.18 -0.99
CA TYR A 226 15.18 13.69 -1.52
C TYR A 226 13.96 12.86 -1.17
N LEU A 227 12.83 13.56 -1.06
CA LEU A 227 11.50 12.98 -1.27
C LEU A 227 11.20 13.09 -2.77
N VAL A 228 10.72 11.99 -3.34
CA VAL A 228 10.43 11.90 -4.78
C VAL A 228 8.93 11.67 -4.92
N LEU A 229 8.21 12.70 -5.39
CA LEU A 229 6.76 12.74 -5.26
C LEU A 229 6.11 12.92 -6.62
N HIS A 230 5.45 11.87 -7.12
CA HIS A 230 4.74 11.95 -8.38
C HIS A 230 3.35 12.57 -8.18
N ILE A 231 2.95 13.38 -9.15
CA ILE A 231 1.70 14.13 -9.13
C ILE A 231 0.89 13.63 -10.30
N VAL A 232 -0.13 12.82 -10.02
CA VAL A 232 -0.88 12.09 -11.03
C VAL A 232 -2.34 12.48 -10.89
N PRO A 233 -3.04 12.85 -11.98
CA PRO A 233 -4.35 13.53 -11.85
C PRO A 233 -5.55 12.64 -11.59
N SER A 234 -5.45 11.79 -10.57
CA SER A 234 -6.64 11.30 -9.86
C SER A 234 -6.99 12.41 -8.88
N ILE A 235 -7.90 13.29 -9.25
CA ILE A 235 -8.12 14.52 -8.49
C ILE A 235 -9.45 14.44 -7.76
N GLY A 236 -9.54 15.18 -6.65
CA GLY A 236 -10.76 15.32 -5.91
C GLY A 236 -11.04 16.78 -5.61
N SER A 237 -12.28 17.04 -5.19
CA SER A 237 -12.73 18.41 -4.93
C SER A 237 -13.97 18.37 -4.03
N TRP A 238 -14.15 19.43 -3.25
CA TRP A 238 -15.42 19.60 -2.54
C TRP A 238 -16.58 19.63 -3.52
N ASP A 239 -16.37 20.20 -4.71
CA ASP A 239 -17.42 20.28 -5.71
C ASP A 239 -17.90 18.88 -6.10
N ARG A 240 -16.95 17.97 -6.36
CA ARG A 240 -17.34 16.60 -6.65
C ARG A 240 -18.19 16.02 -5.54
N LEU A 241 -17.80 16.25 -4.28
CA LEU A 241 -18.55 15.69 -3.16
C LEU A 241 -19.95 16.28 -3.10
N GLU A 242 -20.08 17.59 -3.31
CA GLU A 242 -21.39 18.22 -3.30
C GLU A 242 -22.30 17.64 -4.38
N LYS A 243 -21.73 17.24 -5.51
CA LYS A 243 -22.51 16.68 -6.60
C LYS A 243 -22.75 15.18 -6.46
N GLY A 244 -22.29 14.56 -5.37
CA GLY A 244 -22.52 13.15 -5.16
C GLY A 244 -21.60 12.22 -5.92
N LEU A 245 -20.51 12.73 -6.48
CA LEU A 245 -19.58 11.92 -7.23
C LEU A 245 -18.59 11.23 -6.29
N PRO A 246 -17.95 10.15 -6.74
CA PRO A 246 -16.82 9.60 -5.98
C PRO A 246 -15.80 10.70 -5.74
N HIS A 247 -15.12 10.66 -4.58
CA HIS A 247 -14.18 11.72 -4.23
C HIS A 247 -13.21 11.98 -5.36
N PHE A 248 -12.58 10.92 -5.88
CA PHE A 248 -11.58 11.05 -6.92
C PHE A 248 -12.15 10.72 -8.29
N GLY A 249 -11.62 11.40 -9.30
CA GLY A 249 -11.84 11.03 -10.68
C GLY A 249 -10.59 11.37 -11.47
N PHE A 250 -10.39 10.66 -12.58
CA PHE A 250 -9.17 10.82 -13.35
C PHE A 250 -9.39 11.80 -14.50
N ASP A 251 -8.44 12.73 -14.65
CA ASP A 251 -8.48 13.76 -15.68
C ASP A 251 -7.33 13.50 -16.65
N THR A 252 -7.66 13.04 -17.85
CA THR A 252 -6.63 12.71 -18.83
C THR A 252 -5.99 13.94 -19.46
N THR A 253 -6.52 15.14 -19.18
CA THR A 253 -6.00 16.35 -19.81
C THR A 253 -4.98 17.09 -18.97
N LEU A 254 -4.72 16.64 -17.73
CA LEU A 254 -3.76 17.35 -16.90
C LEU A 254 -2.37 16.74 -17.02
N PRO A 255 -1.32 17.56 -16.91
CA PRO A 255 0.04 17.01 -16.93
C PRO A 255 0.36 16.24 -15.66
N VAL A 256 1.36 15.37 -15.78
CA VAL A 256 1.93 14.64 -14.66
C VAL A 256 3.23 15.30 -14.27
N TYR A 257 3.46 15.46 -12.97
CA TYR A 257 4.71 16.02 -12.48
C TYR A 257 5.44 15.00 -11.62
N LEU A 258 6.76 15.19 -11.52
CA LEU A 258 7.58 14.50 -10.53
C LEU A 258 8.32 15.57 -9.75
N GLY A 259 8.00 15.70 -8.46
CA GLY A 259 8.65 16.67 -7.61
C GLY A 259 9.83 16.07 -6.86
N ILE A 260 10.94 16.81 -6.87
CA ILE A 260 12.13 16.45 -6.12
C ILE A 260 12.24 17.44 -4.96
N ILE A 261 12.04 16.94 -3.75
CA ILE A 261 11.87 17.75 -2.55
C ILE A 261 13.01 17.41 -1.58
N PRO A 262 13.84 18.37 -1.19
CA PRO A 262 14.93 18.06 -0.26
C PRO A 262 14.42 17.54 1.07
N ARG A 263 15.13 16.53 1.60
CA ARG A 263 14.80 15.94 2.91
C ARG A 263 15.45 16.78 3.99
N ARG A 264 14.86 17.94 4.25
CA ARG A 264 15.47 18.90 5.17
C ARG A 264 14.39 19.64 5.95
N ALA A 265 14.63 19.79 7.25
CA ALA A 265 13.68 20.50 8.10
C ALA A 265 13.54 21.96 7.68
N ASP A 266 14.58 22.55 7.08
CA ASP A 266 14.53 23.94 6.64
C ASP A 266 13.98 24.08 5.22
N LEU A 267 13.30 23.05 4.71
CA LEU A 267 12.74 23.10 3.36
C LEU A 267 11.97 24.39 3.13
N LYS A 268 12.17 24.97 1.95
CA LYS A 268 11.38 26.09 1.46
C LYS A 268 10.82 25.74 0.09
N GLN A 269 9.66 26.31 -0.24
CA GLN A 269 9.01 26.01 -1.51
C GLN A 269 9.97 26.18 -2.68
N GLU A 270 10.83 27.19 -2.62
CA GLU A 270 11.74 27.50 -3.73
C GLU A 270 12.83 26.45 -3.92
N ASP A 271 13.03 25.56 -2.94
CA ASP A 271 14.04 24.53 -3.08
C ASP A 271 13.58 23.35 -3.94
N ILE A 272 12.29 23.29 -4.27
CA ILE A 272 11.69 22.15 -4.94
C ILE A 272 11.79 22.33 -6.45
N ARG A 273 12.08 21.23 -7.14
CA ARG A 273 12.01 21.17 -8.60
C ARG A 273 10.82 20.31 -9.00
N TRP A 274 10.01 20.80 -9.93
CA TRP A 274 8.92 20.02 -10.51
C TRP A 274 9.26 19.73 -11.96
N PHE A 275 9.40 18.45 -12.29
CA PHE A 275 9.54 18.02 -13.67
C PHE A 275 8.17 17.63 -14.21
N LYS A 276 7.98 17.82 -15.51
CA LYS A 276 6.65 17.71 -16.11
C LYS A 276 6.68 16.79 -17.32
N ARG A 277 5.63 15.99 -17.46
CA ARG A 277 5.50 15.08 -18.59
C ARG A 277 4.04 14.97 -18.98
N GLU A 278 3.80 14.25 -20.07
CA GLU A 278 2.45 14.09 -20.57
C GLU A 278 1.64 13.13 -19.68
N ASN A 279 0.32 13.27 -19.79
CA ASN A 279 -0.61 12.54 -18.93
C ASN A 279 -0.38 11.04 -18.98
N CYS A 280 -0.35 10.43 -17.80
CA CYS A 280 -0.33 8.98 -17.65
C CYS A 280 -0.83 8.66 -16.25
N PHE A 281 -0.81 7.38 -15.89
CA PHE A 281 -1.18 6.96 -14.55
C PHE A 281 -0.05 6.15 -13.92
N ALA A 282 0.26 6.47 -12.67
CA ALA A 282 1.16 5.67 -11.85
C ALA A 282 0.70 5.84 -10.41
N SER A 283 0.74 4.73 -9.66
CA SER A 283 0.37 4.75 -8.25
C SER A 283 1.53 4.41 -7.34
N HIS A 284 2.10 3.21 -7.47
CA HIS A 284 3.07 2.70 -6.54
C HIS A 284 4.50 2.90 -7.03
N VAL A 285 5.43 2.87 -6.09
CA VAL A 285 6.85 3.05 -6.33
C VAL A 285 7.57 1.77 -5.90
N MET A 286 8.27 1.13 -6.83
CA MET A 286 9.13 0.02 -6.46
C MET A 286 10.28 0.51 -5.59
N ASN A 287 11.04 1.49 -6.08
CA ASN A 287 12.16 2.09 -5.37
C ASN A 287 12.59 3.34 -6.13
N ALA A 288 13.30 4.21 -5.43
CA ALA A 288 13.94 5.38 -6.04
C ALA A 288 15.38 5.43 -5.55
N PHE A 289 16.25 6.03 -6.36
CA PHE A 289 17.65 6.18 -5.98
C PHE A 289 18.30 7.27 -6.82
N GLN A 290 19.43 7.75 -6.35
CA GLN A 290 20.18 8.81 -7.01
C GLN A 290 21.36 8.22 -7.78
N GLU A 291 21.79 8.95 -8.81
CA GLU A 291 22.97 8.59 -9.61
C GLU A 291 23.57 9.89 -10.12
N GLY A 292 24.68 10.32 -9.53
CA GLY A 292 25.20 11.63 -9.87
C GLY A 292 24.17 12.70 -9.52
N THR A 293 23.90 13.59 -10.46
CA THR A 293 22.90 14.63 -10.26
C THR A 293 21.50 14.18 -10.67
N LYS A 294 21.33 12.91 -11.01
CA LYS A 294 20.03 12.40 -11.46
C LYS A 294 19.30 11.68 -10.33
N VAL A 295 17.98 11.61 -10.48
CA VAL A 295 17.10 10.82 -9.63
C VAL A 295 16.35 9.85 -10.53
N HIS A 296 16.29 8.58 -10.14
CA HIS A 296 15.51 7.55 -10.82
C HIS A 296 14.42 7.04 -9.89
N VAL A 297 13.24 6.79 -10.43
CA VAL A 297 12.15 6.17 -9.67
C VAL A 297 11.44 5.18 -10.58
N ASP A 298 11.23 3.97 -10.08
CA ASP A 298 10.62 2.89 -10.85
C ASP A 298 9.19 2.69 -10.40
N VAL A 299 8.25 2.83 -11.34
CA VAL A 299 6.82 2.75 -11.04
C VAL A 299 6.13 1.92 -12.09
N PRO A 300 5.02 1.25 -11.72
CA PRO A 300 4.15 0.63 -12.72
C PRO A 300 3.32 1.70 -13.41
N GLU A 301 3.65 1.96 -14.69
CA GLU A 301 3.02 3.04 -15.44
C GLU A 301 1.93 2.47 -16.34
N ALA A 302 0.77 3.13 -16.34
CA ALA A 302 -0.32 2.80 -17.24
C ALA A 302 -0.65 4.02 -18.10
N GLU A 303 -1.22 3.75 -19.27
CA GLU A 303 -1.61 4.84 -20.17
C GLU A 303 -2.71 5.70 -19.58
N ASN A 304 -3.57 5.11 -18.73
CA ASN A 304 -4.78 5.78 -18.28
C ASN A 304 -5.14 5.26 -16.88
N ASN A 305 -6.24 5.78 -16.36
CA ASN A 305 -6.71 5.48 -15.00
C ASN A 305 -6.77 3.99 -14.72
N MET A 306 -6.39 3.62 -13.49
CA MET A 306 -6.48 2.24 -13.03
C MET A 306 -7.60 2.00 -12.03
N PHE A 307 -8.30 3.05 -11.56
CA PHE A 307 -9.35 2.92 -10.56
C PHE A 307 -10.71 3.09 -11.22
N PRO A 308 -11.43 2.02 -11.57
CA PRO A 308 -12.73 2.21 -12.22
C PRO A 308 -13.76 2.91 -11.32
N PHE A 309 -13.64 2.77 -9.98
CA PHE A 309 -14.54 3.41 -9.04
C PHE A 309 -14.25 4.89 -8.86
N PHE A 310 -13.15 5.41 -9.44
CA PHE A 310 -12.79 6.82 -9.44
C PHE A 310 -12.77 7.25 -10.90
N PRO A 311 -13.95 7.44 -11.51
CA PRO A 311 -14.02 7.38 -12.98
C PRO A 311 -13.48 8.63 -13.67
N ASP A 312 -13.34 8.50 -14.98
CA ASP A 312 -12.92 9.60 -15.85
C ASP A 312 -13.84 10.80 -15.67
N VAL A 313 -13.22 11.96 -15.39
CA VAL A 313 -14.02 13.11 -14.98
C VAL A 313 -14.85 13.68 -16.13
N HIS A 314 -14.56 13.30 -17.37
CA HIS A 314 -15.32 13.77 -18.53
C HIS A 314 -16.32 12.75 -19.02
N GLY A 315 -16.56 11.68 -18.26
CA GLY A 315 -17.61 10.74 -18.57
C GLY A 315 -17.20 9.53 -19.38
N ALA A 316 -15.92 9.38 -19.71
CA ALA A 316 -15.50 8.26 -20.53
C ALA A 316 -15.69 6.94 -19.77
N PRO A 317 -16.13 5.88 -20.45
CA PRO A 317 -16.16 4.56 -19.80
C PRO A 317 -14.76 4.08 -19.48
N PHE A 318 -14.67 3.22 -18.47
CA PHE A 318 -13.38 2.69 -18.06
C PHE A 318 -12.77 1.87 -19.18
N ASN A 319 -11.45 2.03 -19.37
CA ASN A 319 -10.72 1.36 -20.44
C ASN A 319 -9.75 0.35 -19.84
N PRO A 320 -10.09 -0.95 -19.82
CA PRO A 320 -9.21 -1.90 -19.13
C PRO A 320 -7.83 -2.04 -19.76
N GLN A 321 -7.76 -1.93 -21.06
CA GLN A 321 -6.48 -2.11 -21.74
C GLN A 321 -5.53 -0.97 -21.43
N GLN A 322 -6.02 0.24 -21.41
CA GLN A 322 -5.20 1.39 -21.04
C GLN A 322 -4.87 1.43 -19.56
N ALA A 323 -5.47 0.56 -18.75
CA ALA A 323 -5.17 0.46 -17.33
C ALA A 323 -4.03 -0.53 -17.05
N MET A 324 -3.50 -1.17 -18.08
N MET A 324 -3.48 -1.17 -18.07
CA MET A 324 -2.42 -2.14 -17.91
CA MET A 324 -2.44 -2.17 -17.85
C MET A 324 -1.14 -1.41 -17.55
C MET A 324 -1.11 -1.49 -17.58
N SER A 325 -0.54 -1.77 -16.42
CA SER A 325 0.65 -1.10 -15.91
C SER A 325 1.89 -1.97 -16.10
N ARG A 326 3.01 -1.33 -16.40
CA ARG A 326 4.28 -2.00 -16.57
C ARG A 326 5.37 -1.18 -15.91
N LEU A 327 6.24 -1.88 -15.18
CA LEU A 327 7.34 -1.22 -14.49
C LEU A 327 8.14 -0.35 -15.45
N THR A 328 8.31 0.92 -15.08
CA THR A 328 8.92 1.93 -15.93
C THR A 328 9.80 2.83 -15.07
N ARG A 329 10.99 3.14 -15.58
CA ARG A 329 11.92 4.00 -14.86
C ARG A 329 11.73 5.45 -15.33
N TRP A 330 11.41 6.33 -14.40
CA TRP A 330 11.38 7.77 -14.64
C TRP A 330 12.70 8.36 -14.16
N THR A 331 13.42 9.05 -15.04
CA THR A 331 14.70 9.66 -14.70
C THR A 331 14.62 11.15 -14.92
N VAL A 332 15.03 11.92 -13.91
CA VAL A 332 15.14 13.37 -14.01
C VAL A 332 16.54 13.76 -13.56
N ASP A 333 17.01 14.90 -14.07
CA ASP A 333 18.35 15.40 -13.79
C ASP A 333 18.24 16.74 -13.08
N MET A 334 18.72 16.80 -11.84
CA MET A 334 18.61 18.03 -11.08
C MET A 334 19.42 19.17 -11.68
N ALA A 335 20.34 18.87 -12.59
CA ALA A 335 21.12 19.90 -13.25
C ALA A 335 20.56 20.28 -14.63
N SER A 336 19.40 19.74 -14.99
CA SER A 336 18.86 20.01 -16.32
C SER A 336 18.28 21.43 -16.38
N ASN A 337 18.29 22.00 -17.58
CA ASN A 337 17.78 23.36 -17.77
C ASN A 337 16.26 23.39 -17.74
N SER A 338 15.61 22.48 -18.47
CA SER A 338 14.17 22.53 -18.63
C SER A 338 13.49 21.69 -17.56
N ASP A 339 12.16 21.65 -17.61
CA ASP A 339 11.37 20.83 -16.71
C ASP A 339 11.04 19.46 -17.30
N GLU A 340 11.67 19.09 -18.41
CA GLU A 340 11.41 17.81 -19.04
C GLU A 340 12.13 16.69 -18.29
N PHE A 341 11.50 15.51 -18.28
CA PHE A 341 12.17 14.31 -17.79
C PHE A 341 13.44 14.06 -18.61
N ASP A 342 14.43 13.46 -17.96
CA ASP A 342 15.62 13.02 -18.69
C ASP A 342 15.32 11.81 -19.57
N SER A 343 14.54 10.87 -19.06
CA SER A 343 14.19 9.66 -19.78
C SER A 343 12.95 9.04 -19.14
N VAL A 344 12.20 8.31 -19.95
CA VAL A 344 11.14 7.41 -19.49
C VAL A 344 11.37 6.08 -20.18
N THR A 345 11.65 5.03 -19.41
CA THR A 345 12.12 3.77 -19.99
C THR A 345 11.39 2.60 -19.37
N ARG A 346 10.60 1.89 -20.19
CA ARG A 346 9.93 0.68 -19.74
C ARG A 346 10.98 -0.39 -19.45
N LEU A 347 10.86 -1.02 -18.27
CA LEU A 347 11.84 -1.99 -17.82
C LEU A 347 11.40 -3.43 -18.07
N THR A 348 10.11 -3.66 -18.30
CA THR A 348 9.61 -4.99 -18.60
C THR A 348 8.35 -4.87 -19.43
N GLU A 349 8.10 -5.89 -20.24
CA GLU A 349 6.83 -5.99 -20.94
C GLU A 349 5.79 -6.75 -20.12
N THR A 350 6.20 -7.35 -19.00
CA THR A 350 5.25 -7.97 -18.08
C THR A 350 4.38 -6.90 -17.44
N ALA A 351 3.07 -7.14 -17.42
CA ALA A 351 2.13 -6.24 -16.76
C ALA A 351 2.00 -6.65 -15.30
N GLY A 352 2.06 -5.69 -14.40
CA GLY A 352 2.02 -6.02 -12.98
C GLY A 352 1.84 -4.80 -12.12
N GLU A 353 1.66 -5.05 -10.82
CA GLU A 353 1.52 -4.00 -9.83
C GLU A 353 2.02 -4.55 -8.49
N PHE A 354 1.73 -3.83 -7.41
CA PHE A 354 2.18 -4.20 -6.08
C PHE A 354 3.69 -4.45 -6.06
N PRO A 355 4.48 -3.48 -6.50
CA PRO A 355 5.94 -3.71 -6.57
C PRO A 355 6.58 -3.71 -5.19
N ARG A 356 7.56 -4.60 -5.02
CA ARG A 356 8.30 -4.68 -3.77
C ARG A 356 9.79 -4.85 -4.03
N ILE A 357 10.59 -4.52 -3.01
CA ILE A 357 12.03 -4.76 -3.02
C ILE A 357 12.41 -5.40 -1.68
N ASP A 358 13.65 -5.87 -1.60
CA ASP A 358 14.36 -6.01 -0.34
C ASP A 358 14.53 -4.62 0.26
N ASP A 359 13.77 -4.32 1.32
CA ASP A 359 13.66 -2.93 1.77
C ASP A 359 14.94 -2.38 2.35
N ARG A 360 15.95 -3.23 2.58
CA ARG A 360 17.25 -2.69 2.94
C ARG A 360 17.88 -1.87 1.81
N MET A 361 17.35 -1.94 0.59
CA MET A 361 17.87 -1.16 -0.52
C MET A 361 17.06 0.11 -0.76
N THR A 362 16.12 0.45 0.12
CA THR A 362 15.34 1.68 -0.01
C THR A 362 16.27 2.87 -0.28
N GLY A 363 16.03 3.54 -1.39
CA GLY A 363 16.80 4.72 -1.75
C GLY A 363 18.15 4.45 -2.38
N LEU A 364 18.47 3.19 -2.68
CA LEU A 364 19.77 2.83 -3.20
C LEU A 364 19.65 2.14 -4.55
N PRO A 365 20.67 2.22 -5.39
CA PRO A 365 20.71 1.36 -6.58
C PRO A 365 20.48 -0.09 -6.15
N TYR A 366 19.72 -0.82 -6.96
CA TYR A 366 19.23 -2.12 -6.52
C TYR A 366 19.05 -3.05 -7.70
N ARG A 367 19.12 -4.35 -7.40
CA ARG A 367 19.12 -5.38 -8.44
C ARG A 367 17.79 -6.09 -8.59
N TYR A 368 17.03 -6.30 -7.52
CA TYR A 368 15.87 -7.18 -7.57
C TYR A 368 14.58 -6.44 -7.26
N GLY A 369 13.52 -6.77 -8.02
CA GLY A 369 12.19 -6.29 -7.73
C GLY A 369 11.13 -7.35 -7.96
N TRP A 370 10.19 -7.47 -7.02
CA TRP A 370 9.09 -8.42 -7.12
C TRP A 370 7.79 -7.67 -7.40
N MET A 371 6.89 -8.31 -8.14
CA MET A 371 5.60 -7.73 -8.43
C MET A 371 4.54 -8.81 -8.48
N LEU A 372 3.29 -8.40 -8.32
CA LEU A 372 2.15 -9.19 -8.76
C LEU A 372 1.96 -8.98 -10.25
N GLU A 373 1.82 -10.07 -10.99
CA GLU A 373 1.77 -10.02 -12.43
C GLU A 373 0.39 -10.45 -12.92
N MET A 374 -0.06 -9.82 -13.99
CA MET A 374 -1.31 -10.18 -14.66
C MET A 374 -0.94 -10.76 -16.02
N ASP A 375 -0.98 -12.07 -16.12
CA ASP A 375 -0.68 -12.78 -17.37
C ASP A 375 -2.00 -13.13 -18.03
N MET A 376 -2.43 -12.29 -18.99
CA MET A 376 -3.71 -12.48 -19.66
C MET A 376 -3.75 -13.73 -20.53
N LYS A 377 -2.61 -14.35 -20.80
CA LYS A 377 -2.56 -15.53 -21.66
C LYS A 377 -2.75 -16.83 -20.89
N ARG A 378 -2.85 -16.77 -19.57
CA ARG A 378 -3.06 -17.99 -18.80
C ARG A 378 -4.54 -18.35 -18.78
N PRO A 379 -4.85 -19.65 -18.76
CA PRO A 379 -6.26 -20.05 -18.59
C PRO A 379 -6.80 -19.55 -17.25
N VAL A 380 -8.07 -19.19 -17.25
CA VAL A 380 -8.81 -18.90 -16.03
C VAL A 380 -10.06 -19.74 -16.05
N GLU A 381 -10.08 -20.85 -15.31
CA GLU A 381 -11.26 -21.70 -15.17
C GLU A 381 -12.01 -21.36 -13.89
N LEU A 382 -12.13 -20.05 -13.60
CA LEU A 382 -12.87 -19.56 -12.44
C LEU A 382 -12.17 -19.94 -11.14
N GLY A 388 -15.82 -9.20 -13.30
CA GLY A 388 -14.55 -8.74 -13.82
C GLY A 388 -13.59 -8.24 -12.75
N GLY A 389 -12.59 -7.48 -13.17
CA GLY A 389 -11.54 -6.97 -12.32
C GLY A 389 -10.17 -7.25 -12.89
N PHE A 390 -9.16 -6.77 -12.16
CA PHE A 390 -7.78 -7.18 -12.44
C PHE A 390 -7.58 -8.60 -11.91
N LEU A 391 -7.02 -9.48 -12.73
CA LEU A 391 -6.71 -10.83 -12.25
C LEU A 391 -5.19 -10.98 -12.10
N MET A 392 -4.72 -10.92 -10.86
CA MET A 392 -3.30 -11.03 -10.55
C MET A 392 -2.98 -12.51 -10.29
N ASN A 393 -2.39 -13.16 -11.29
CA ASN A 393 -2.26 -14.60 -11.28
C ASN A 393 -0.82 -15.11 -11.24
N CYS A 394 0.17 -14.23 -11.19
CA CYS A 394 1.55 -14.68 -11.13
C CYS A 394 2.35 -13.84 -10.13
N LEU A 395 3.36 -14.48 -9.53
CA LEU A 395 4.44 -13.77 -8.87
C LEU A 395 5.56 -13.55 -9.88
N PHE A 396 6.13 -12.34 -9.87
CA PHE A 396 7.08 -11.88 -10.89
C PHE A 396 8.32 -11.34 -10.20
N LEU A 397 9.49 -11.73 -10.70
CA LEU A 397 10.76 -11.24 -10.20
C LEU A 397 11.56 -10.70 -11.36
N LYS A 398 12.07 -9.48 -11.21
CA LYS A 398 12.89 -8.83 -12.24
C LYS A 398 14.31 -8.65 -11.71
N ASP A 399 15.29 -8.98 -12.56
CA ASP A 399 16.71 -8.82 -12.28
C ASP A 399 17.18 -7.63 -13.10
N HIS A 400 17.42 -6.49 -12.43
CA HIS A 400 17.83 -5.30 -13.15
C HIS A 400 19.26 -5.39 -13.69
N GLN A 401 20.06 -6.31 -13.14
CA GLN A 401 21.46 -6.41 -13.57
C GLN A 401 21.58 -7.17 -14.87
N THR A 402 20.93 -8.34 -14.95
CA THR A 402 20.99 -9.16 -16.15
C THR A 402 19.76 -9.00 -17.05
N GLY A 403 18.69 -8.43 -16.52
CA GLY A 403 17.43 -8.37 -17.24
C GLY A 403 16.56 -9.58 -17.11
N ALA A 404 17.05 -10.66 -16.50
CA ALA A 404 16.29 -11.89 -16.41
C ALA A 404 14.98 -11.68 -15.65
N GLU A 405 13.98 -12.46 -16.02
CA GLU A 405 12.66 -12.42 -15.39
C GLU A 405 12.24 -13.82 -15.01
N GLN A 406 11.63 -13.94 -13.83
CA GLN A 406 11.04 -15.18 -13.36
C GLN A 406 9.54 -14.99 -13.15
N HIS A 407 8.78 -16.06 -13.42
CA HIS A 407 7.34 -16.04 -13.25
C HIS A 407 6.89 -17.31 -12.54
N TRP A 408 5.96 -17.18 -11.59
CA TRP A 408 5.28 -18.34 -11.03
C TRP A 408 3.77 -18.11 -11.09
N TRP A 409 3.06 -19.05 -11.72
CA TRP A 409 1.61 -18.97 -11.92
C TRP A 409 0.90 -19.78 -10.84
N CYS A 410 -0.13 -19.19 -10.24
CA CYS A 410 -0.83 -19.84 -9.14
C CYS A 410 -1.93 -20.77 -9.59
N GLY A 411 -2.11 -20.98 -10.89
CA GLY A 411 -3.10 -21.90 -11.38
C GLY A 411 -4.38 -21.23 -11.81
N PRO A 412 -5.28 -22.04 -12.40
CA PRO A 412 -6.43 -21.45 -13.12
C PRO A 412 -7.61 -21.06 -12.24
N THR A 413 -7.59 -21.34 -10.94
CA THR A 413 -8.72 -21.00 -10.07
C THR A 413 -8.27 -20.16 -8.87
N SER A 414 -7.15 -19.47 -8.99
CA SER A 414 -6.57 -18.75 -7.86
C SER A 414 -6.12 -17.36 -8.31
N SER A 415 -5.86 -16.51 -7.32
CA SER A 415 -5.21 -15.22 -7.53
C SER A 415 -4.30 -14.94 -6.34
N LEU A 416 -3.52 -13.86 -6.45
CA LEU A 416 -2.46 -13.60 -5.50
C LEU A 416 -2.56 -12.18 -4.93
N GLN A 417 -2.07 -12.02 -3.71
CA GLN A 417 -1.98 -10.75 -3.01
C GLN A 417 -0.52 -10.31 -2.93
N GLU A 418 -0.29 -9.15 -2.33
CA GLU A 418 1.03 -8.51 -2.39
C GLU A 418 2.11 -9.37 -1.74
N PRO A 419 3.26 -9.57 -2.40
CA PRO A 419 4.37 -10.26 -1.74
C PRO A 419 5.09 -9.34 -0.74
N ALA A 420 5.86 -9.98 0.13
CA ALA A 420 6.72 -9.26 1.06
C ALA A 420 8.03 -10.03 1.21
N PHE A 421 9.14 -9.29 1.25
CA PHE A 421 10.46 -9.90 1.32
C PHE A 421 10.94 -10.03 2.75
N ILE A 422 11.55 -11.17 3.05
CA ILE A 422 12.12 -11.47 4.36
C ILE A 422 13.62 -11.65 4.21
N PRO A 423 14.45 -10.74 4.71
CA PRO A 423 15.90 -10.95 4.61
C PRO A 423 16.38 -12.08 5.51
N ARG A 424 17.39 -12.80 5.05
CA ARG A 424 17.95 -13.89 5.84
C ARG A 424 18.61 -13.37 7.11
N SER A 425 19.28 -12.24 7.03
CA SER A 425 19.96 -11.63 8.16
C SER A 425 20.26 -10.18 7.80
N LYS A 426 20.64 -9.40 8.81
CA LYS A 426 20.81 -7.96 8.62
C LYS A 426 21.77 -7.66 7.47
N ASP A 427 22.86 -8.41 7.35
CA ASP A 427 23.89 -8.10 6.37
C ASP A 427 24.00 -9.16 5.28
N ALA A 428 22.97 -9.99 5.09
CA ALA A 428 22.94 -10.88 3.94
C ALA A 428 22.92 -10.06 2.65
N PRO A 429 23.39 -10.64 1.55
CA PRO A 429 23.32 -9.93 0.26
C PRO A 429 21.88 -9.59 -0.10
N GLU A 430 21.74 -8.62 -1.02
CA GLU A 430 20.42 -8.21 -1.47
C GLU A 430 19.64 -9.41 -2.01
N GLY A 431 18.39 -9.55 -1.58
CA GLY A 431 17.55 -10.61 -2.07
C GLY A 431 17.81 -11.98 -1.48
N ASP A 432 18.77 -12.11 -0.58
CA ASP A 432 19.05 -13.37 0.11
C ASP A 432 18.00 -13.55 1.18
N GLY A 433 16.99 -14.36 0.91
CA GLY A 433 15.90 -14.54 1.86
C GLY A 433 14.70 -15.20 1.18
N TRP A 434 13.52 -14.79 1.63
CA TRP A 434 12.28 -15.43 1.24
C TRP A 434 11.22 -14.40 0.88
N ILE A 435 10.21 -14.87 0.14
CA ILE A 435 9.02 -14.08 -0.18
C ILE A 435 7.83 -14.79 0.45
N VAL A 436 6.96 -14.04 1.10
CA VAL A 436 5.68 -14.56 1.56
C VAL A 436 4.57 -13.77 0.87
N GLN A 437 3.44 -14.44 0.63
CA GLN A 437 2.29 -13.77 0.04
C GLN A 437 1.06 -14.64 0.22
N VAL A 438 -0.09 -13.98 0.35
CA VAL A 438 -1.37 -14.66 0.44
C VAL A 438 -1.80 -15.07 -0.96
N CYS A 439 -2.36 -16.28 -1.07
CA CYS A 439 -2.96 -16.77 -2.30
C CYS A 439 -4.44 -17.01 -2.07
N ASN A 440 -5.28 -16.43 -2.93
CA ASN A 440 -6.72 -16.63 -2.89
C ASN A 440 -7.04 -17.93 -3.63
N ARG A 441 -7.41 -18.98 -2.89
CA ARG A 441 -7.85 -20.24 -3.49
C ARG A 441 -9.35 -20.13 -3.75
N LEU A 442 -9.69 -19.52 -4.88
CA LEU A 442 -11.07 -19.07 -5.12
C LEU A 442 -12.03 -20.24 -5.24
N ALA A 443 -11.58 -21.37 -5.77
CA ALA A 443 -12.47 -22.52 -5.92
C ALA A 443 -12.77 -23.19 -4.58
N ASP A 444 -11.86 -23.05 -3.61
CA ASP A 444 -12.03 -23.64 -2.29
C ASP A 444 -12.58 -22.64 -1.27
N HIS A 445 -12.77 -21.38 -1.67
CA HIS A 445 -13.23 -20.33 -0.76
C HIS A 445 -12.36 -20.25 0.49
N LYS A 446 -11.05 -20.37 0.29
CA LYS A 446 -10.10 -20.28 1.38
C LYS A 446 -8.84 -19.58 0.88
N SER A 447 -7.89 -19.38 1.80
CA SER A 447 -6.63 -18.73 1.49
C SER A 447 -5.46 -19.59 1.94
N ASP A 448 -4.35 -19.49 1.21
CA ASP A 448 -3.07 -20.02 1.63
C ASP A 448 -2.09 -18.89 1.87
N LEU A 449 -1.11 -19.13 2.74
CA LEU A 449 0.10 -18.32 2.78
C LEU A 449 1.21 -19.11 2.09
N LEU A 450 1.78 -18.53 1.05
CA LEU A 450 2.86 -19.16 0.29
C LEU A 450 4.20 -18.62 0.76
N ILE A 451 5.19 -19.50 0.87
CA ILE A 451 6.56 -19.12 1.20
C ILE A 451 7.46 -19.56 0.06
N PHE A 452 8.17 -18.61 -0.54
CA PHE A 452 9.10 -18.87 -1.64
C PHE A 452 10.54 -18.60 -1.21
N GLU A 453 11.48 -19.34 -1.80
CA GLU A 453 12.87 -18.88 -1.87
C GLU A 453 12.92 -17.70 -2.84
N ALA A 454 13.37 -16.55 -2.34
CA ALA A 454 13.04 -15.28 -2.98
C ALA A 454 13.59 -15.17 -4.40
N LEU A 455 14.73 -15.78 -4.68
CA LEU A 455 15.37 -15.69 -5.99
C LEU A 455 15.21 -16.97 -6.81
N ASP A 456 14.30 -17.86 -6.41
CA ASP A 456 14.07 -19.12 -7.11
C ASP A 456 12.58 -19.45 -7.00
N ILE A 457 11.75 -18.65 -7.67
CA ILE A 457 10.31 -18.77 -7.49
C ILE A 457 9.64 -19.68 -8.52
N GLU A 458 10.31 -19.98 -9.64
CA GLU A 458 9.64 -20.71 -10.72
C GLU A 458 9.36 -22.16 -10.35
N LYS A 459 10.09 -22.71 -9.38
CA LYS A 459 9.78 -24.03 -8.88
C LYS A 459 8.60 -24.04 -7.92
N GLY A 460 8.06 -22.87 -7.59
CA GLY A 460 6.91 -22.79 -6.71
C GLY A 460 7.29 -22.60 -5.26
N PRO A 461 6.30 -22.43 -4.39
CA PRO A 461 6.60 -22.21 -2.98
C PRO A 461 7.21 -23.45 -2.34
N VAL A 462 8.09 -23.22 -1.37
CA VAL A 462 8.66 -24.33 -0.62
C VAL A 462 7.75 -24.75 0.53
N ALA A 463 6.81 -23.89 0.93
CA ALA A 463 5.83 -24.23 1.95
C ALA A 463 4.51 -23.56 1.59
N THR A 464 3.42 -24.27 1.87
CA THR A 464 2.07 -23.77 1.65
C THR A 464 1.31 -23.92 2.96
N VAL A 465 0.90 -22.80 3.55
CA VAL A 465 0.14 -22.81 4.80
C VAL A 465 -1.33 -22.59 4.47
N HIS A 466 -2.17 -23.53 4.89
CA HIS A 466 -3.60 -23.47 4.62
C HIS A 466 -4.34 -22.75 5.74
N LEU A 467 -5.13 -21.74 5.38
CA LEU A 467 -6.06 -21.19 6.35
C LEU A 467 -7.43 -21.84 6.18
N PRO A 468 -8.15 -22.13 7.27
CA PRO A 468 -9.47 -22.78 7.13
C PRO A 468 -10.60 -21.80 6.84
N PHE A 469 -10.26 -20.65 6.25
CA PHE A 469 -11.26 -19.66 5.88
C PHE A 469 -10.61 -18.75 4.84
N ALA A 470 -11.42 -17.86 4.27
CA ALA A 470 -10.94 -16.97 3.22
C ALA A 470 -10.63 -15.61 3.79
N LEU A 471 -9.44 -15.10 3.47
CA LEU A 471 -9.15 -13.68 3.62
C LEU A 471 -9.83 -12.91 2.49
N ARG A 472 -10.06 -11.63 2.72
CA ARG A 472 -10.56 -10.74 1.69
C ARG A 472 -9.39 -10.09 0.94
N PHE A 473 -9.73 -9.36 -0.12
CA PHE A 473 -8.76 -8.54 -0.84
C PHE A 473 -7.91 -7.75 0.14
N GLY A 474 -6.59 -7.85 -0.02
CA GLY A 474 -5.71 -7.14 0.86
C GLY A 474 -5.01 -5.96 0.22
N LEU A 475 -4.45 -5.08 1.05
CA LEU A 475 -3.59 -4.02 0.54
C LEU A 475 -2.16 -4.37 0.92
N HIS A 476 -1.52 -3.62 1.81
CA HIS A 476 -0.09 -3.76 2.01
C HIS A 476 0.28 -4.46 3.31
N GLY A 477 1.45 -5.09 3.31
CA GLY A 477 1.90 -5.91 4.43
C GLY A 477 3.41 -5.99 4.48
N ASN A 478 3.91 -6.47 5.63
CA ASN A 478 5.33 -6.42 5.90
C ASN A 478 5.72 -7.52 6.89
N TRP A 479 6.95 -7.99 6.74
CA TRP A 479 7.56 -8.91 7.69
C TRP A 479 8.38 -8.15 8.71
N ALA A 480 8.34 -8.60 9.96
CA ALA A 480 9.25 -8.12 11.00
C ALA A 480 9.79 -9.31 11.78
N ASN A 481 11.08 -9.26 12.10
CA ASN A 481 11.71 -10.28 12.95
C ASN A 481 11.08 -10.25 14.34
N ALA A 482 11.08 -11.41 15.00
CA ALA A 482 10.37 -11.53 16.28
C ALA A 482 10.87 -10.50 17.29
N GLU A 483 12.18 -10.25 17.32
CA GLU A 483 12.73 -9.31 18.29
C GLU A 483 12.26 -7.88 18.08
N GLU A 484 11.65 -7.57 16.93
CA GLU A 484 11.15 -6.24 16.66
C GLU A 484 9.69 -6.06 17.06
N ILE A 485 9.02 -7.11 17.49
CA ILE A 485 7.58 -7.07 17.69
C ILE A 485 7.19 -7.79 18.97
N GLY A 486 8.17 -7.99 19.86
CA GLY A 486 7.88 -8.52 21.17
C GLY A 486 7.53 -9.99 21.21
N LEU A 487 7.91 -10.76 20.20
CA LEU A 487 7.67 -12.19 20.17
C LEU A 487 8.96 -12.94 20.49
N ALA A 488 8.82 -14.25 20.70
CA ALA A 488 9.86 -15.00 21.39
C ALA A 488 11.13 -15.12 20.54
N ALA A 489 12.27 -15.09 21.21
CA ALA A 489 13.56 -15.35 20.58
C ALA A 489 13.60 -16.81 20.13
#